data_5TTA
#
_entry.id   5TTA
#
_cell.length_a   30.780
_cell.length_b   51.040
_cell.length_c   81.120
_cell.angle_alpha   73.38
_cell.angle_beta   82.06
_cell.angle_gamma   86.35
#
_symmetry.space_group_name_H-M   'P 1'
#
loop_
_entity.id
_entity.type
_entity.pdbx_description
1 polymer 'Putative exported protein'
2 water water
#
_entity_poly.entity_id   1
_entity_poly.type   'polypeptide(L)'
_entity_poly.pdbx_seq_one_letter_code
;SNATNSEKTNVYLANTVSTVTKKVSDIQSSKGLVYNENIPLFINNSKIQYDDTPYHWPSNVISLTNSSEKAI(MSE)DYE
ITCLAYDKNGKPLELYWDAQNVAADGEVGSVGFSPAGVDYGIVTGISPVSPKSYSHTYRK(MSE)QQSPPQDIIS(MSE)
FEKQQGKAWVENWLKEWKQ(MSE)EKEYAKQNAIAPGKNQNDAFLLFDKWKQSTGEHGVKYIISCVKQVTFNDGSVWKNS
AYENWLKSFQGKEVSNSVLENYYK
;
_entity_poly.pdbx_strand_id   A,B
#
# COMPACT_ATOMS: atom_id res chain seq x y z
N ASN A 36 10.10 -9.70 -10.31
CA ASN A 36 10.30 -10.19 -8.96
C ASN A 36 10.14 -9.08 -7.93
N GLU A 37 9.84 -9.47 -6.70
CA GLU A 37 9.64 -8.55 -5.59
C GLU A 37 10.74 -8.78 -4.56
N ASN A 38 11.58 -7.77 -4.36
CA ASN A 38 12.71 -7.88 -3.43
C ASN A 38 12.30 -7.33 -2.07
N ILE A 39 12.38 -8.18 -1.06
CA ILE A 39 11.90 -7.86 0.29
C ILE A 39 12.79 -6.74 0.83
N PRO A 40 12.20 -5.60 1.23
CA PRO A 40 13.03 -4.48 1.70
C PRO A 40 13.56 -4.65 3.12
N LEU A 41 12.97 -5.55 3.91
CA LEU A 41 13.40 -5.76 5.30
C LEU A 41 13.72 -7.24 5.44
N PHE A 42 14.99 -7.56 5.70
CA PHE A 42 15.47 -8.92 5.69
C PHE A 42 15.53 -9.45 7.10
N ILE A 43 14.92 -10.62 7.35
CA ILE A 43 15.04 -11.22 8.66
C ILE A 43 16.18 -12.22 8.60
N ASN A 44 17.28 -11.88 9.28
CA ASN A 44 18.44 -12.77 9.34
C ASN A 44 18.22 -13.95 10.27
N ASN A 45 17.43 -13.76 11.32
N ASN A 45 17.43 -13.77 11.32
CA ASN A 45 17.26 -14.76 12.36
CA ASN A 45 17.07 -14.85 12.22
C ASN A 45 16.22 -14.29 13.37
C ASN A 45 16.09 -14.30 13.26
N SER A 46 15.55 -15.22 14.05
CA SER A 46 14.74 -14.89 15.22
C SER A 46 14.93 -16.04 16.20
N LYS A 47 15.36 -15.72 17.41
CA LYS A 47 15.93 -16.68 18.33
C LYS A 47 15.67 -16.20 19.75
N ILE A 48 15.50 -17.12 20.67
CA ILE A 48 15.42 -16.78 22.09
C ILE A 48 16.84 -16.53 22.56
N GLN A 49 17.06 -15.39 23.21
CA GLN A 49 18.30 -15.08 23.88
C GLN A 49 17.99 -14.61 25.30
N TYR A 50 18.92 -14.85 26.21
CA TYR A 50 18.78 -14.46 27.61
C TYR A 50 19.77 -13.35 27.94
N ASP A 51 19.33 -12.40 28.76
CA ASP A 51 20.22 -11.29 29.06
C ASP A 51 21.33 -11.74 30.01
N ASP A 52 22.29 -10.84 30.23
CA ASP A 52 23.50 -11.15 30.97
C ASP A 52 23.35 -11.01 32.48
N THR A 53 22.27 -10.41 32.97
CA THR A 53 22.09 -10.21 34.40
C THR A 53 21.95 -11.56 35.09
N PRO A 54 21.98 -11.60 36.43
CA PRO A 54 21.74 -12.89 37.11
C PRO A 54 20.31 -13.43 36.93
N TYR A 55 19.37 -12.64 36.39
CA TYR A 55 18.02 -13.12 36.18
C TYR A 55 17.79 -13.69 34.79
N HIS A 56 18.70 -13.43 33.86
CA HIS A 56 18.70 -14.07 32.53
C HIS A 56 17.31 -14.06 31.90
N TRP A 57 16.74 -12.88 31.78
CA TRP A 57 15.39 -12.80 31.22
C TRP A 57 15.41 -13.18 29.73
N PRO A 58 14.39 -13.88 29.25
CA PRO A 58 14.33 -14.32 27.85
C PRO A 58 13.69 -13.30 26.94
N SER A 59 14.26 -13.15 25.74
CA SER A 59 13.64 -12.31 24.71
C SER A 59 13.67 -13.03 23.36
N ASN A 60 12.64 -12.76 22.57
CA ASN A 60 12.65 -13.12 21.14
C ASN A 60 13.45 -12.04 20.42
N VAL A 61 14.65 -12.37 19.96
CA VAL A 61 15.52 -11.38 19.33
C VAL A 61 15.49 -11.60 17.82
N ILE A 62 14.95 -10.62 17.11
CA ILE A 62 14.81 -10.65 15.64
C ILE A 62 15.92 -9.81 15.05
N SER A 63 16.82 -10.46 14.29
CA SER A 63 17.93 -9.76 13.65
C SER A 63 17.49 -9.32 12.26
N LEU A 64 17.48 -8.01 12.04
CA LEU A 64 16.95 -7.38 10.84
C LEU A 64 18.06 -6.64 10.07
N THR A 65 17.86 -6.56 8.76
CA THR A 65 18.70 -5.78 7.85
C THR A 65 17.77 -5.01 6.90
N ASN A 66 17.89 -3.68 6.85
CA ASN A 66 17.18 -2.89 5.84
C ASN A 66 17.93 -2.97 4.52
N SER A 67 17.49 -3.82 3.62
CA SER A 67 18.20 -4.00 2.36
C SER A 67 17.78 -3.01 1.29
N SER A 68 16.83 -2.12 1.56
CA SER A 68 16.36 -1.18 0.56
C SER A 68 17.15 0.11 0.64
N GLU A 69 16.84 1.03 -0.28
CA GLU A 69 17.48 2.33 -0.31
C GLU A 69 16.70 3.39 0.47
N LYS A 70 15.67 2.99 1.20
CA LYS A 70 14.80 3.91 1.90
C LYS A 70 14.78 3.58 3.37
N ALA A 71 14.70 4.61 4.21
CA ALA A 71 14.56 4.42 5.65
C ALA A 71 13.20 3.83 5.98
N ILE A 72 13.17 2.90 6.94
CA ILE A 72 11.96 2.18 7.32
C ILE A 72 11.42 2.76 8.63
N ASP A 74 8.17 2.06 9.90
CA ASP A 74 7.32 1.14 10.63
C ASP A 74 7.36 -0.22 9.94
N TYR A 75 7.03 -1.27 10.69
CA TYR A 75 6.95 -2.60 10.09
C TYR A 75 5.89 -3.40 10.84
N GLU A 76 5.47 -4.49 10.24
CA GLU A 76 4.69 -5.53 10.91
C GLU A 76 5.38 -6.85 10.62
N ILE A 77 5.73 -7.58 11.68
CA ILE A 77 6.46 -8.84 11.54
C ILE A 77 5.74 -9.88 12.37
N THR A 78 5.35 -10.99 11.73
CA THR A 78 4.58 -12.02 12.42
C THR A 78 5.50 -13.18 12.78
N CYS A 79 5.37 -13.67 14.01
CA CYS A 79 6.14 -14.81 14.48
C CYS A 79 5.23 -15.97 14.88
N LEU A 80 5.80 -17.16 14.77
CA LEU A 80 5.23 -18.45 15.12
C LEU A 80 6.27 -19.19 15.94
N ALA A 81 5.80 -20.03 16.86
CA ALA A 81 6.70 -20.70 17.79
C ALA A 81 6.47 -22.20 17.77
N TYR A 82 7.56 -22.97 17.97
CA TYR A 82 7.55 -24.42 17.89
C TYR A 82 8.38 -25.00 19.01
N ASP A 83 7.94 -26.15 19.54
CA ASP A 83 8.74 -26.90 20.51
C ASP A 83 9.86 -27.67 19.82
N LYS A 84 10.64 -28.41 20.62
CA LYS A 84 11.82 -29.08 20.10
C LYS A 84 11.48 -30.17 19.09
N ASN A 85 10.23 -30.61 19.05
CA ASN A 85 9.79 -31.67 18.14
C ASN A 85 8.99 -31.17 16.95
N GLY A 86 9.00 -29.86 16.69
CA GLY A 86 8.30 -29.30 15.56
C GLY A 86 6.80 -29.15 15.73
N LYS A 87 6.28 -29.31 16.96
CA LYS A 87 4.87 -29.04 17.22
C LYS A 87 4.63 -27.54 17.44
N PRO A 88 3.58 -26.98 16.87
CA PRO A 88 3.31 -25.55 17.07
C PRO A 88 2.80 -25.25 18.48
N LEU A 89 3.18 -24.08 18.98
CA LEU A 89 2.85 -23.68 20.35
C LEU A 89 1.97 -22.44 20.34
N GLU A 90 0.91 -22.45 21.16
CA GLU A 90 0.15 -21.25 21.44
C GLU A 90 0.78 -20.54 22.63
N LEU A 91 1.10 -19.25 22.46
CA LEU A 91 1.75 -18.44 23.48
C LEU A 91 0.91 -17.26 23.91
N TYR A 92 1.09 -16.84 25.17
CA TYR A 92 0.86 -15.46 25.58
C TYR A 92 2.08 -14.65 25.18
N TRP A 93 2.10 -14.22 23.90
CA TRP A 93 3.33 -13.70 23.29
C TRP A 93 3.85 -12.44 23.97
N ASP A 94 2.95 -11.53 24.36
CA ASP A 94 3.32 -10.27 24.99
C ASP A 94 2.97 -10.22 26.47
N ALA A 95 3.05 -11.36 27.17
CA ALA A 95 2.79 -11.38 28.61
C ALA A 95 3.81 -10.54 29.36
N GLN A 96 3.37 -9.94 30.45
CA GLN A 96 4.25 -9.21 31.35
C GLN A 96 4.68 -10.10 32.52
N ASN A 97 5.84 -9.78 33.09
CA ASN A 97 6.34 -10.53 34.23
C ASN A 97 5.62 -10.06 35.48
N VAL A 98 5.48 -10.96 36.44
CA VAL A 98 4.92 -10.64 37.74
C VAL A 98 5.99 -10.87 38.79
N ALA A 99 5.98 -10.04 39.84
CA ALA A 99 6.91 -10.12 40.95
C ALA A 99 6.21 -10.64 42.20
N ALA A 100 7.04 -11.01 43.20
CA ALA A 100 6.51 -11.66 44.40
C ALA A 100 5.47 -10.81 45.11
N ASP A 101 5.65 -9.49 45.11
CA ASP A 101 4.70 -8.56 45.74
C ASP A 101 3.55 -8.19 44.81
N GLY A 102 3.43 -8.88 43.68
CA GLY A 102 2.36 -8.64 42.73
C GLY A 102 2.63 -7.58 41.69
N GLU A 103 3.77 -6.91 41.75
CA GLU A 103 4.09 -5.90 40.75
C GLU A 103 4.19 -6.54 39.36
N VAL A 104 3.63 -5.88 38.36
CA VAL A 104 3.59 -6.40 37.00
C VAL A 104 4.45 -5.49 36.11
N GLY A 105 5.37 -6.09 35.37
CA GLY A 105 6.09 -5.36 34.35
C GLY A 105 7.19 -4.45 34.85
N SER A 106 7.62 -4.60 36.10
CA SER A 106 8.71 -3.78 36.61
C SER A 106 10.03 -4.55 36.59
N VAL A 107 11.11 -3.79 36.75
CA VAL A 107 12.46 -4.32 36.75
C VAL A 107 13.26 -3.54 37.80
N GLY A 108 14.22 -4.23 38.41
CA GLY A 108 15.00 -3.64 39.48
C GLY A 108 14.50 -4.15 40.82
N PHE A 109 14.40 -3.26 41.79
CA PHE A 109 13.89 -3.57 43.12
C PHE A 109 12.76 -2.62 43.47
N SER A 110 11.80 -3.14 44.24
CA SER A 110 10.78 -2.27 44.76
C SER A 110 11.39 -1.36 45.81
N PRO A 111 10.72 -0.26 46.15
CA PRO A 111 11.29 0.61 47.20
C PRO A 111 11.48 -0.09 48.53
N ALA A 112 10.61 -1.05 48.87
CA ALA A 112 10.75 -1.76 50.13
C ALA A 112 11.76 -2.91 50.06
N GLY A 113 12.21 -3.28 48.86
CA GLY A 113 13.30 -4.22 48.70
C GLY A 113 12.98 -5.53 48.02
N VAL A 114 11.80 -5.65 47.41
CA VAL A 114 11.43 -6.87 46.70
C VAL A 114 12.16 -6.91 45.36
N ASP A 115 12.76 -8.05 45.05
CA ASP A 115 13.51 -8.22 43.81
C ASP A 115 12.55 -8.50 42.65
N TYR A 116 12.40 -7.52 41.75
CA TYR A 116 11.60 -7.69 40.54
C TYR A 116 12.26 -8.60 39.51
N GLY A 117 13.57 -8.81 39.62
CA GLY A 117 14.25 -9.69 38.69
C GLY A 117 13.74 -11.11 38.76
N ILE A 118 13.21 -11.53 39.90
CA ILE A 118 12.69 -12.88 40.11
C ILE A 118 11.26 -12.93 39.61
N VAL A 119 11.02 -13.68 38.55
CA VAL A 119 9.72 -13.67 37.89
C VAL A 119 8.92 -14.83 38.48
N THR A 120 7.89 -14.50 39.27
CA THR A 120 7.09 -15.52 39.93
C THR A 120 5.94 -16.01 39.06
N GLY A 121 5.61 -15.28 37.98
CA GLY A 121 4.52 -15.68 37.10
C GLY A 121 4.44 -14.70 35.93
N ILE A 122 3.41 -14.90 35.10
CA ILE A 122 3.17 -14.03 33.96
C ILE A 122 1.76 -13.43 34.03
N SER A 123 1.62 -12.27 33.41
CA SER A 123 0.34 -11.57 33.28
C SER A 123 0.02 -11.35 31.81
N PRO A 124 -0.94 -12.08 31.24
CA PRO A 124 -1.25 -11.94 29.82
C PRO A 124 -1.66 -10.52 29.43
N VAL A 125 -1.34 -10.18 28.19
CA VAL A 125 -1.76 -8.93 27.58
C VAL A 125 -2.72 -9.29 26.43
N SER A 126 -2.18 -9.74 25.29
CA SER A 126 -2.98 -10.26 24.18
C SER A 126 -3.46 -11.68 24.48
N PRO A 127 -4.55 -12.13 23.84
CA PRO A 127 -5.00 -13.52 24.03
C PRO A 127 -3.95 -14.54 23.60
N LYS A 128 -4.01 -15.72 24.21
CA LYS A 128 -3.13 -16.81 23.78
C LYS A 128 -3.39 -17.12 22.30
N SER A 129 -2.31 -17.38 21.55
CA SER A 129 -2.42 -17.50 20.10
C SER A 129 -1.20 -18.20 19.52
N TYR A 130 -1.39 -18.89 18.38
CA TYR A 130 -0.22 -19.43 17.67
C TYR A 130 0.67 -18.33 17.10
N SER A 131 0.12 -17.18 16.77
CA SER A 131 0.91 -16.14 16.14
C SER A 131 0.89 -14.82 16.91
N HIS A 132 1.91 -14.00 16.67
CA HIS A 132 1.90 -12.63 17.16
C HIS A 132 2.51 -11.71 16.11
N THR A 133 1.91 -10.54 15.93
CA THR A 133 2.45 -9.59 14.98
C THR A 133 3.07 -8.44 15.75
N TYR A 134 4.40 -8.33 15.67
CA TYR A 134 5.13 -7.23 16.26
C TYR A 134 5.09 -6.01 15.33
N ARG A 135 4.91 -4.83 15.92
CA ARG A 135 4.87 -3.58 15.15
C ARG A 135 5.94 -2.64 15.69
N LYS A 136 6.71 -2.02 14.79
CA LYS A 136 7.81 -1.15 15.22
C LYS A 136 7.28 0.04 16.02
N GLN A 138 5.05 0.31 18.03
CA GLN A 138 4.16 -0.26 19.03
C GLN A 138 3.76 0.78 20.08
N GLN A 139 4.71 1.65 20.46
CA GLN A 139 4.41 2.72 21.40
C GLN A 139 3.29 3.62 20.91
N SER A 140 3.06 3.69 19.58
CA SER A 140 2.02 4.55 19.03
C SER A 140 0.76 3.75 18.76
N PRO A 141 -0.42 4.35 18.92
CA PRO A 141 -1.66 3.63 18.58
C PRO A 141 -1.70 3.33 17.10
N PRO A 142 -2.25 2.18 16.70
CA PRO A 142 -2.33 1.84 15.28
C PRO A 142 -3.11 2.89 14.49
N GLN A 143 -2.89 2.90 13.18
CA GLN A 143 -3.55 3.87 12.32
C GLN A 143 -5.05 3.62 12.24
N ASP A 144 -5.49 2.36 12.31
CA ASP A 144 -6.92 2.08 12.40
C ASP A 144 -7.53 2.76 13.61
N ILE A 145 -6.80 2.77 14.73
CA ILE A 145 -7.31 3.39 15.95
C ILE A 145 -7.25 4.91 15.86
N ILE A 146 -6.18 5.46 15.27
CA ILE A 146 -6.15 6.91 15.08
C ILE A 146 -7.25 7.34 14.11
N SER A 147 -7.55 6.51 13.09
CA SER A 147 -8.62 6.86 12.16
C SER A 147 -9.99 6.84 12.82
N PHE A 149 -10.51 7.75 15.88
CA PHE A 149 -10.57 8.96 16.69
C PHE A 149 -10.90 10.18 15.83
N GLU A 150 -10.34 10.25 14.62
CA GLU A 150 -10.66 11.36 13.73
C GLU A 150 -12.16 11.43 13.45
N LYS A 151 -12.76 10.29 13.12
CA LYS A 151 -14.17 10.24 12.76
C LYS A 151 -15.10 10.50 13.95
N GLN A 152 -14.58 10.83 15.13
CA GLN A 152 -15.44 11.08 16.28
C GLN A 152 -15.89 12.54 16.30
N GLN A 153 -17.17 12.73 16.65
CA GLN A 153 -17.74 14.06 16.74
C GLN A 153 -17.19 14.80 17.96
N GLY A 154 -16.72 16.03 17.75
CA GLY A 154 -16.17 16.78 18.85
C GLY A 154 -16.07 18.26 18.51
N LYS A 155 -15.34 18.96 19.36
CA LYS A 155 -15.06 20.38 19.17
C LYS A 155 -14.02 20.58 18.08
N ALA A 156 -14.11 21.72 17.40
CA ALA A 156 -13.21 21.99 16.29
C ALA A 156 -11.75 22.03 16.73
N TRP A 157 -11.49 22.59 17.91
CA TRP A 157 -10.13 22.70 18.39
C TRP A 157 -9.57 21.36 18.81
N VAL A 158 -10.46 20.40 19.13
CA VAL A 158 -10.04 19.06 19.51
C VAL A 158 -9.55 18.29 18.29
N GLU A 159 -10.26 18.42 17.17
CA GLU A 159 -9.77 17.81 15.94
C GLU A 159 -8.42 18.39 15.53
N ASN A 160 -8.26 19.72 15.66
CA ASN A 160 -7.00 20.33 15.25
C ASN A 160 -5.87 19.94 16.18
N TRP A 161 -6.18 19.68 17.45
CA TRP A 161 -5.18 19.14 18.39
C TRP A 161 -4.69 17.78 17.93
N LEU A 162 -5.61 16.91 17.51
CA LEU A 162 -5.24 15.56 17.10
C LEU A 162 -4.43 15.57 15.81
N LYS A 163 -4.80 16.45 14.86
CA LYS A 163 -4.02 16.60 13.63
C LYS A 163 -2.56 16.95 13.92
N GLU A 164 -2.32 17.91 14.81
CA GLU A 164 -0.94 18.27 15.13
C GLU A 164 -0.23 17.10 15.81
N TRP A 165 -0.95 16.38 16.67
CA TRP A 165 -0.35 15.24 17.38
C TRP A 165 0.01 14.12 16.43
N LYS A 166 -0.87 13.82 15.48
CA LYS A 166 -0.59 12.83 14.45
C LYS A 166 0.71 13.14 13.73
N GLN A 167 0.87 14.38 13.27
CA GLN A 167 2.05 14.75 12.48
C GLN A 167 3.32 14.60 13.31
N GLU A 169 3.78 12.69 15.88
CA GLU A 169 4.02 11.26 16.02
C GLU A 169 4.73 10.72 14.78
N LYS A 170 4.26 11.10 13.59
CA LYS A 170 4.90 10.66 12.36
C LYS A 170 6.33 11.17 12.26
N GLU A 171 6.59 12.43 12.67
CA GLU A 171 7.94 12.96 12.57
C GLU A 171 8.91 12.26 13.52
N TYR A 172 8.47 11.98 14.75
CA TYR A 172 9.30 11.22 15.68
C TYR A 172 9.65 9.85 15.11
N ALA A 173 8.65 9.14 14.57
CA ALA A 173 8.90 7.84 13.98
C ALA A 173 9.87 7.93 12.81
N LYS A 174 9.81 9.00 12.02
CA LYS A 174 10.77 9.17 10.92
C LYS A 174 12.19 9.37 11.45
N GLN A 175 12.34 10.10 12.55
CA GLN A 175 13.66 10.29 13.12
C GLN A 175 14.21 9.00 13.71
N ASN A 176 13.33 8.08 14.14
CA ASN A 176 13.74 6.78 14.67
C ASN A 176 13.75 5.67 13.62
N ALA A 177 13.74 5.99 12.34
CA ALA A 177 13.63 4.95 11.32
C ALA A 177 14.91 4.13 11.22
N ILE A 178 14.75 2.90 10.72
CA ILE A 178 15.90 2.04 10.41
C ILE A 178 16.49 2.53 9.09
N ALA A 179 17.74 2.99 9.13
CA ALA A 179 18.38 3.61 7.97
C ALA A 179 18.69 2.55 6.92
N PRO A 180 18.81 2.95 5.64
CA PRO A 180 19.19 1.96 4.60
C PRO A 180 20.53 1.31 4.93
N GLY A 181 20.60 -0.01 4.74
CA GLY A 181 21.77 -0.80 5.08
C GLY A 181 21.95 -1.15 6.55
N LYS A 182 21.18 -0.55 7.46
CA LYS A 182 21.34 -0.84 8.89
C LYS A 182 21.05 -2.30 9.25
N ASN A 183 21.95 -2.91 10.04
CA ASN A 183 21.65 -4.15 10.74
C ASN A 183 21.27 -3.83 12.17
N GLN A 184 20.17 -4.38 12.67
CA GLN A 184 19.91 -4.22 14.10
C GLN A 184 19.06 -5.36 14.64
N ASN A 185 19.18 -5.59 15.94
CA ASN A 185 18.32 -6.52 16.67
C ASN A 185 17.15 -5.78 17.28
N ASP A 186 15.94 -6.28 17.05
CA ASP A 186 14.74 -5.81 17.73
C ASP A 186 14.28 -6.93 18.66
N ALA A 187 14.27 -6.65 19.96
CA ALA A 187 14.11 -7.68 20.99
C ALA A 187 12.80 -7.51 21.73
N PHE A 188 12.13 -8.62 22.00
CA PHE A 188 10.83 -8.61 22.68
C PHE A 188 10.82 -9.67 23.77
N LEU A 189 10.60 -9.23 25.02
CA LEU A 189 10.55 -10.15 26.15
C LEU A 189 9.54 -11.27 25.88
N LEU A 190 9.92 -12.51 26.23
CA LEU A 190 9.10 -13.71 25.94
C LEU A 190 9.09 -14.62 27.17
N PHE A 191 8.30 -14.21 28.18
CA PHE A 191 8.22 -14.92 29.46
C PHE A 191 7.43 -16.22 29.40
N ASP A 192 6.39 -16.30 28.56
CA ASP A 192 5.59 -17.53 28.53
C ASP A 192 6.42 -18.74 28.15
N LYS A 193 6.27 -19.83 28.92
CA LYS A 193 6.91 -21.15 28.77
C LYS A 193 8.36 -21.14 29.25
N TRP A 194 8.81 -20.08 29.91
CA TRP A 194 10.14 -20.02 30.48
C TRP A 194 10.07 -20.40 31.96
N LYS A 195 11.03 -21.20 32.41
CA LYS A 195 11.20 -21.50 33.83
C LYS A 195 12.51 -20.88 34.27
N GLN A 196 12.43 -19.82 35.09
CA GLN A 196 13.62 -19.07 35.45
C GLN A 196 14.60 -19.92 36.25
N SER A 197 14.08 -20.75 37.15
CA SER A 197 14.95 -21.54 38.04
C SER A 197 15.89 -22.45 37.27
N THR A 198 15.46 -22.97 36.13
CA THR A 198 16.28 -23.89 35.35
C THR A 198 16.84 -23.30 34.07
N GLY A 199 16.38 -22.13 33.65
CA GLY A 199 16.77 -21.56 32.39
C GLY A 199 16.11 -22.18 31.17
N GLU A 200 15.21 -23.13 31.37
CA GLU A 200 14.60 -23.84 30.23
C GLU A 200 13.46 -23.03 29.63
N HIS A 201 13.33 -23.11 28.31
CA HIS A 201 12.26 -22.46 27.58
C HIS A 201 11.57 -23.50 26.70
N GLY A 202 10.24 -23.61 26.81
CA GLY A 202 9.52 -24.59 25.99
C GLY A 202 9.62 -24.27 24.51
N VAL A 203 9.83 -23.01 24.17
CA VAL A 203 9.96 -22.58 22.78
C VAL A 203 11.38 -22.89 22.32
N LYS A 204 11.50 -23.71 21.27
CA LYS A 204 12.79 -24.07 20.70
C LYS A 204 13.08 -23.31 19.41
N TYR A 205 12.04 -22.99 18.65
CA TYR A 205 12.22 -22.33 17.37
C TYR A 205 11.17 -21.25 17.21
N ILE A 206 11.59 -20.13 16.67
CA ILE A 206 10.72 -19.05 16.27
C ILE A 206 10.96 -18.82 14.80
N ILE A 207 9.91 -18.86 13.98
CA ILE A 207 10.06 -18.51 12.58
C ILE A 207 9.20 -17.29 12.34
N SER A 208 9.68 -16.39 11.46
CA SER A 208 9.06 -15.09 11.28
C SER A 208 8.89 -14.75 9.81
N CYS A 209 8.02 -13.77 9.56
CA CYS A 209 7.78 -13.29 8.20
C CYS A 209 7.36 -11.83 8.28
N VAL A 210 7.98 -11.00 7.44
CA VAL A 210 7.57 -9.61 7.30
C VAL A 210 6.21 -9.57 6.63
N LYS A 211 5.27 -8.86 7.27
CA LYS A 211 3.92 -8.69 6.72
C LYS A 211 3.86 -7.44 5.86
N GLN A 212 4.38 -6.33 6.35
CA GLN A 212 4.49 -5.11 5.56
C GLN A 212 5.53 -4.19 6.21
N VAL A 213 5.92 -3.17 5.46
CA VAL A 213 6.78 -2.11 6.01
C VAL A 213 6.29 -0.78 5.48
N THR A 214 6.60 0.28 6.23
CA THR A 214 6.25 1.65 5.88
C THR A 214 7.54 2.46 5.83
N PHE A 215 7.80 3.10 4.70
CA PHE A 215 9.02 3.90 4.54
C PHE A 215 8.79 5.33 4.99
N ASN A 216 9.89 6.08 5.11
CA ASN A 216 9.82 7.45 5.62
C ASN A 216 9.02 8.37 4.72
N ASP A 217 8.88 8.06 3.43
CA ASP A 217 8.06 8.91 2.58
C ASP A 217 6.58 8.61 2.69
N GLY A 218 6.17 7.69 3.58
CA GLY A 218 4.79 7.30 3.72
C GLY A 218 4.36 6.10 2.90
N SER A 219 5.18 5.64 1.96
CA SER A 219 4.78 4.49 1.13
C SER A 219 4.84 3.18 1.93
N VAL A 220 3.96 2.25 1.54
CA VAL A 220 3.76 0.98 2.26
C VAL A 220 4.02 -0.16 1.29
N TRP A 221 4.96 -1.04 1.65
CA TRP A 221 5.21 -2.28 0.92
C TRP A 221 4.57 -3.43 1.68
N LYS A 222 3.78 -4.23 0.98
CA LYS A 222 3.15 -5.40 1.58
C LYS A 222 3.72 -6.66 0.97
N ASN A 223 3.94 -7.66 1.81
CA ASN A 223 4.50 -8.94 1.36
C ASN A 223 3.41 -9.79 0.72
N SER A 224 3.42 -9.92 -0.61
CA SER A 224 2.37 -10.68 -1.27
C SER A 224 2.42 -12.16 -0.92
N ALA A 225 3.55 -12.67 -0.44
CA ALA A 225 3.67 -14.06 -0.02
C ALA A 225 3.18 -14.29 1.41
N TYR A 226 2.84 -13.23 2.16
CA TYR A 226 2.55 -13.39 3.58
C TYR A 226 1.34 -14.30 3.84
N GLU A 227 0.24 -14.10 3.12
CA GLU A 227 -0.94 -14.89 3.47
C GLU A 227 -0.67 -16.38 3.30
N ASN A 228 0.04 -16.74 2.24
CA ASN A 228 0.41 -18.14 2.00
C ASN A 228 1.28 -18.67 3.12
N TRP A 229 2.25 -17.87 3.56
CA TRP A 229 3.14 -18.29 4.63
C TRP A 229 2.35 -18.58 5.91
N LEU A 230 1.47 -17.65 6.27
CA LEU A 230 0.66 -17.84 7.47
C LEU A 230 -0.19 -19.09 7.36
N LYS A 231 -0.81 -19.31 6.19
CA LYS A 231 -1.66 -20.48 6.02
C LYS A 231 -0.84 -21.78 6.08
N SER A 232 0.36 -21.77 5.51
CA SER A 232 1.18 -22.98 5.51
C SER A 232 1.66 -23.36 6.91
N PHE A 233 1.94 -22.38 7.75
CA PHE A 233 2.64 -22.65 9.00
C PHE A 233 1.77 -22.53 10.26
N GLN A 234 0.85 -21.56 10.35
CA GLN A 234 0.27 -21.23 11.65
C GLN A 234 -0.57 -22.40 12.16
N GLY A 235 -0.23 -22.88 13.36
CA GLY A 235 -0.87 -24.03 13.95
C GLY A 235 -0.61 -25.36 13.28
N LYS A 236 0.43 -25.48 12.46
CA LYS A 236 0.76 -26.72 11.76
C LYS A 236 2.10 -27.26 12.24
N GLU A 237 2.20 -28.59 12.27
CA GLU A 237 3.48 -29.24 12.55
C GLU A 237 4.46 -29.01 11.41
N VAL A 238 5.75 -28.89 11.75
CA VAL A 238 6.82 -28.57 10.81
C VAL A 238 7.99 -29.50 11.11
N SER A 239 8.69 -29.95 10.05
CA SER A 239 9.78 -30.89 10.25
C SER A 239 10.97 -30.21 10.91
N ASN A 240 11.80 -31.02 11.58
CA ASN A 240 12.95 -30.44 12.27
C ASN A 240 13.97 -29.90 11.28
N SER A 241 14.06 -30.52 10.11
CA SER A 241 14.98 -30.03 9.07
C SER A 241 14.59 -28.64 8.59
N VAL A 242 13.30 -28.42 8.33
CA VAL A 242 12.83 -27.10 7.95
C VAL A 242 13.10 -26.08 9.07
N LEU A 243 12.74 -26.42 10.32
CA LEU A 243 12.96 -25.46 11.40
C LEU A 243 14.45 -25.16 11.59
N GLU A 244 15.28 -26.19 11.62
CA GLU A 244 16.71 -25.98 11.86
C GLU A 244 17.34 -25.12 10.77
N ASN A 245 16.90 -25.24 9.52
CA ASN A 245 17.53 -24.55 8.42
C ASN A 245 16.74 -23.35 7.93
N TYR A 246 15.77 -22.89 8.73
CA TYR A 246 14.83 -21.87 8.28
C TYR A 246 15.53 -20.57 7.88
N TYR A 247 16.57 -20.18 8.61
CA TYR A 247 17.31 -18.97 8.29
C TYR A 247 18.63 -19.25 7.57
N LYS A 248 18.86 -20.47 7.12
CA LYS A 248 20.06 -20.76 6.34
C LYS A 248 19.77 -20.82 4.83
N ASN B 36 6.06 17.77 7.09
CA ASN B 36 4.87 17.70 6.24
C ASN B 36 4.86 16.43 5.40
N GLU B 37 4.05 16.44 4.35
CA GLU B 37 4.02 15.40 3.33
C GLU B 37 4.27 16.03 1.97
N ASN B 38 5.22 15.49 1.23
CA ASN B 38 5.52 15.97 -0.12
C ASN B 38 5.14 14.90 -1.14
N ILE B 39 4.48 15.34 -2.21
CA ILE B 39 3.93 14.44 -3.21
C ILE B 39 5.08 13.88 -4.07
N PRO B 40 5.03 12.60 -4.43
CA PRO B 40 6.02 12.03 -5.35
C PRO B 40 5.66 12.18 -6.82
N LEU B 41 4.43 12.53 -7.14
CA LEU B 41 3.98 12.66 -8.52
C LEU B 41 3.19 13.95 -8.66
N PHE B 42 3.71 14.87 -9.46
CA PHE B 42 3.18 16.21 -9.60
C PHE B 42 2.48 16.32 -10.95
N ILE B 43 1.25 16.85 -10.96
CA ILE B 43 0.52 17.07 -12.21
C ILE B 43 0.79 18.50 -12.68
N ASN B 44 1.51 18.64 -13.79
CA ASN B 44 1.79 19.96 -14.35
C ASN B 44 0.58 20.55 -15.06
N ASN B 45 -0.25 19.71 -15.67
CA ASN B 45 -1.34 20.19 -16.49
C ASN B 45 -2.21 19.01 -16.91
N SER B 46 -3.47 19.31 -17.20
CA SER B 46 -4.35 18.35 -17.86
C SER B 46 -5.26 19.16 -18.76
N LYS B 47 -5.23 18.87 -20.05
CA LYS B 47 -5.93 19.68 -21.06
C LYS B 47 -6.28 18.79 -22.24
N ILE B 48 -7.14 19.29 -23.10
CA ILE B 48 -7.49 18.58 -24.33
C ILE B 48 -6.52 18.97 -25.43
N GLN B 49 -5.98 17.96 -26.12
CA GLN B 49 -5.08 18.12 -27.24
C GLN B 49 -5.68 17.36 -28.42
N TYR B 50 -5.37 17.81 -29.64
CA TYR B 50 -5.82 17.14 -30.86
C TYR B 50 -4.62 16.59 -31.62
N ASP B 51 -4.80 15.43 -32.26
CA ASP B 51 -3.71 14.81 -33.01
C ASP B 51 -3.57 15.47 -34.39
N ASP B 52 -2.47 15.14 -35.07
CA ASP B 52 -2.12 15.77 -36.35
C ASP B 52 -2.57 14.94 -37.55
N THR B 53 -3.70 14.26 -37.45
CA THR B 53 -4.34 13.64 -38.59
C THR B 53 -5.57 14.46 -39.00
N PRO B 54 -6.04 14.32 -40.24
CA PRO B 54 -7.18 15.13 -40.69
C PRO B 54 -8.46 14.93 -39.89
N TYR B 55 -8.49 13.97 -38.98
CA TYR B 55 -9.63 13.76 -38.08
C TYR B 55 -9.46 14.44 -36.72
N HIS B 56 -8.22 14.76 -36.34
CA HIS B 56 -7.93 15.55 -35.14
C HIS B 56 -8.68 15.05 -33.91
N TRP B 57 -8.54 13.76 -33.64
CA TRP B 57 -9.23 13.16 -32.50
C TRP B 57 -8.73 13.79 -31.20
N PRO B 58 -9.61 14.04 -30.24
CA PRO B 58 -9.18 14.66 -28.97
C PRO B 58 -8.71 13.66 -27.93
N SER B 59 -7.86 14.17 -27.04
CA SER B 59 -7.30 13.37 -25.96
C SER B 59 -7.13 14.25 -24.72
N ASN B 60 -7.56 13.73 -23.58
CA ASN B 60 -7.12 14.26 -22.28
C ASN B 60 -5.64 13.92 -22.10
N VAL B 61 -4.79 14.95 -22.19
CA VAL B 61 -3.34 14.80 -22.03
C VAL B 61 -2.97 15.27 -20.63
N ILE B 62 -2.36 14.39 -19.84
CA ILE B 62 -1.99 14.68 -18.47
C ILE B 62 -0.48 14.80 -18.45
N SER B 63 0.02 16.00 -18.13
CA SER B 63 1.45 16.24 -17.99
C SER B 63 1.85 16.00 -16.54
N LEU B 64 2.82 15.11 -16.34
CA LEU B 64 3.14 14.56 -15.02
C LEU B 64 4.64 14.66 -14.77
N THR B 65 5.02 14.94 -13.54
CA THR B 65 6.43 14.95 -13.18
C THR B 65 6.64 14.07 -11.97
N ASN B 66 7.57 13.13 -12.10
CA ASN B 66 8.00 12.33 -10.96
C ASN B 66 8.92 13.21 -10.13
N SER B 67 8.41 13.76 -9.02
CA SER B 67 9.22 14.61 -8.15
C SER B 67 10.01 13.82 -7.11
N SER B 68 9.86 12.50 -7.09
CA SER B 68 10.50 11.66 -6.09
C SER B 68 11.85 11.15 -6.57
N GLU B 69 12.49 10.33 -5.74
CA GLU B 69 13.78 9.73 -6.03
C GLU B 69 13.67 8.30 -6.55
N LYS B 70 12.46 7.78 -6.74
CA LYS B 70 12.24 6.42 -7.20
C LYS B 70 11.35 6.41 -8.43
N ALA B 71 11.61 5.45 -9.33
CA ALA B 71 10.79 5.28 -10.51
C ALA B 71 9.36 4.90 -10.13
N ILE B 72 8.39 5.43 -10.87
CA ILE B 72 6.96 5.22 -10.62
C ILE B 72 6.42 4.27 -11.70
N ASP B 74 3.20 2.70 -11.52
CA ASP B 74 1.75 2.74 -11.64
C ASP B 74 1.23 3.96 -10.90
N TYR B 75 0.00 4.35 -11.20
CA TYR B 75 -0.63 5.48 -10.52
C TYR B 75 -2.14 5.34 -10.65
N GLU B 76 -2.85 6.06 -9.81
CA GLU B 76 -4.27 6.36 -9.99
C GLU B 76 -4.41 7.87 -9.98
N ILE B 77 -4.92 8.44 -11.08
CA ILE B 77 -5.15 9.87 -11.21
C ILE B 77 -6.61 10.08 -11.56
N THR B 78 -7.31 10.88 -10.77
CA THR B 78 -8.71 11.19 -10.99
C THR B 78 -8.85 12.55 -11.65
N CYS B 79 -9.72 12.62 -12.66
CA CYS B 79 -10.02 13.85 -13.38
C CYS B 79 -11.48 14.21 -13.20
N LEU B 80 -11.74 15.52 -13.18
CA LEU B 80 -13.06 16.13 -13.22
C LEU B 80 -13.12 17.06 -14.42
N ALA B 81 -14.32 17.33 -14.93
CA ALA B 81 -14.48 18.13 -16.12
C ALA B 81 -15.50 19.24 -15.90
N TYR B 82 -15.24 20.41 -16.50
CA TYR B 82 -16.02 21.62 -16.32
C TYR B 82 -16.22 22.32 -17.65
N ASP B 83 -17.38 22.98 -17.79
CA ASP B 83 -17.74 23.61 -19.05
C ASP B 83 -17.30 25.08 -19.03
N LYS B 84 -17.76 25.85 -20.03
CA LYS B 84 -17.28 27.22 -20.21
C LYS B 84 -17.49 28.07 -18.97
N ASN B 85 -18.58 27.85 -18.25
CA ASN B 85 -18.94 28.72 -17.13
C ASN B 85 -18.64 28.07 -15.78
N GLY B 86 -17.77 27.06 -15.75
CA GLY B 86 -17.39 26.45 -14.49
C GLY B 86 -18.41 25.52 -13.88
N LYS B 87 -19.42 25.10 -14.65
CA LYS B 87 -20.38 24.09 -14.24
C LYS B 87 -19.80 22.70 -14.51
N PRO B 88 -20.01 21.77 -13.59
CA PRO B 88 -19.44 20.44 -13.76
C PRO B 88 -20.11 19.67 -14.89
N LEU B 89 -19.33 18.79 -15.52
CA LEU B 89 -19.78 17.99 -16.65
C LEU B 89 -19.71 16.51 -16.31
N GLU B 90 -20.73 15.78 -16.72
CA GLU B 90 -20.71 14.32 -16.63
C GLU B 90 -20.35 13.77 -18.01
N LEU B 91 -19.38 12.87 -18.04
CA LEU B 91 -18.88 12.36 -19.31
C LEU B 91 -18.90 10.85 -19.31
N TYR B 92 -19.00 10.30 -20.52
CA TYR B 92 -18.54 8.94 -20.83
C TYR B 92 -17.05 9.04 -21.08
N TRP B 93 -16.30 9.01 -19.97
CA TRP B 93 -14.90 9.39 -20.00
C TRP B 93 -14.08 8.46 -20.88
N ASP B 94 -14.36 7.16 -20.83
CA ASP B 94 -13.59 6.17 -21.56
C ASP B 94 -14.38 5.57 -22.71
N ALA B 95 -15.32 6.33 -23.25
CA ALA B 95 -16.13 5.83 -24.35
C ALA B 95 -15.29 5.61 -25.60
N GLN B 96 -15.74 4.70 -26.45
CA GLN B 96 -15.05 4.43 -27.70
C GLN B 96 -15.77 5.11 -28.86
N ASN B 97 -15.02 5.32 -29.94
CA ASN B 97 -15.54 5.97 -31.13
C ASN B 97 -16.35 4.97 -31.97
N VAL B 98 -17.37 5.48 -32.62
CA VAL B 98 -18.21 4.71 -33.53
C VAL B 98 -18.03 5.27 -34.94
N ALA B 99 -17.98 4.39 -35.93
CA ALA B 99 -17.92 4.82 -37.32
C ALA B 99 -19.28 4.61 -37.97
N ALA B 100 -19.41 5.13 -39.20
CA ALA B 100 -20.69 5.11 -39.90
C ALA B 100 -21.23 3.69 -40.04
N ASP B 101 -20.38 2.73 -40.41
CA ASP B 101 -20.83 1.35 -40.55
C ASP B 101 -21.19 0.72 -39.22
N GLY B 102 -20.82 1.34 -38.10
CA GLY B 102 -21.14 0.82 -36.79
C GLY B 102 -19.99 0.14 -36.07
N GLU B 103 -18.81 0.03 -36.68
CA GLU B 103 -17.67 -0.55 -35.98
C GLU B 103 -17.31 0.32 -34.79
N VAL B 104 -16.71 -0.29 -33.77
CA VAL B 104 -16.39 0.40 -32.53
C VAL B 104 -14.90 0.27 -32.27
N GLY B 105 -14.25 1.40 -31.99
CA GLY B 105 -12.85 1.40 -31.61
C GLY B 105 -11.87 1.14 -32.72
N SER B 106 -12.28 1.33 -33.98
CA SER B 106 -11.44 1.01 -35.11
C SER B 106 -10.76 2.26 -35.68
N VAL B 107 -9.65 2.02 -36.37
CA VAL B 107 -8.85 3.05 -37.01
C VAL B 107 -8.72 2.73 -38.50
N GLY B 108 -8.60 3.74 -39.32
CA GLY B 108 -8.25 3.56 -40.72
C GLY B 108 -9.47 3.51 -41.62
N PHE B 109 -9.49 2.51 -42.52
CA PHE B 109 -10.53 2.39 -43.53
C PHE B 109 -11.04 0.96 -43.60
N SER B 110 -12.36 0.82 -43.73
CA SER B 110 -12.95 -0.50 -43.91
C SER B 110 -12.72 -1.00 -45.33
N PRO B 111 -12.92 -2.30 -45.59
CA PRO B 111 -12.84 -2.78 -46.98
C PRO B 111 -13.73 -2.00 -47.93
N ALA B 112 -15.01 -1.82 -47.58
CA ALA B 112 -15.96 -1.12 -48.44
C ALA B 112 -15.78 0.39 -48.45
N GLY B 113 -14.72 0.91 -47.82
CA GLY B 113 -14.42 2.32 -47.87
C GLY B 113 -15.00 3.17 -46.76
N VAL B 114 -15.56 2.56 -45.72
CA VAL B 114 -16.06 3.32 -44.58
C VAL B 114 -14.88 3.98 -43.88
N ASP B 115 -15.00 5.28 -43.62
CA ASP B 115 -13.92 6.04 -42.98
C ASP B 115 -14.08 5.93 -41.47
N TYR B 116 -13.15 5.22 -40.84
CA TYR B 116 -13.14 5.02 -39.39
C TYR B 116 -12.67 6.25 -38.63
N GLY B 117 -12.06 7.23 -39.33
CA GLY B 117 -11.68 8.49 -38.71
C GLY B 117 -12.83 9.45 -38.52
N ILE B 118 -13.92 9.28 -39.27
CA ILE B 118 -15.12 10.07 -39.07
C ILE B 118 -15.88 9.48 -37.89
N VAL B 119 -16.00 10.24 -36.81
CA VAL B 119 -16.62 9.74 -35.58
C VAL B 119 -18.07 10.19 -35.55
N THR B 120 -18.98 9.23 -35.78
CA THR B 120 -20.40 9.51 -35.89
C THR B 120 -21.16 9.26 -34.58
N GLY B 121 -20.50 8.70 -33.57
CA GLY B 121 -21.11 8.52 -32.27
C GLY B 121 -20.09 7.93 -31.32
N ILE B 122 -20.55 7.64 -30.09
CA ILE B 122 -19.68 7.08 -29.08
C ILE B 122 -20.35 5.87 -28.45
N SER B 123 -19.53 4.97 -27.90
CA SER B 123 -20.01 3.74 -27.26
C SER B 123 -19.51 3.69 -25.82
N PRO B 124 -20.37 3.91 -24.83
CA PRO B 124 -19.90 3.98 -23.43
C PRO B 124 -19.16 2.74 -22.99
N VAL B 125 -18.23 2.92 -22.06
CA VAL B 125 -17.58 1.81 -21.39
C VAL B 125 -17.95 1.88 -19.92
N SER B 126 -17.38 2.85 -19.18
CA SER B 126 -17.81 3.11 -17.81
C SER B 126 -19.12 3.89 -17.82
N PRO B 127 -19.92 3.78 -16.75
CA PRO B 127 -21.13 4.61 -16.66
C PRO B 127 -20.77 6.09 -16.58
N LYS B 128 -21.71 6.93 -17.01
CA LYS B 128 -21.49 8.37 -16.96
C LYS B 128 -21.27 8.85 -15.54
N SER B 129 -20.36 9.79 -15.37
CA SER B 129 -19.95 10.17 -14.03
C SER B 129 -19.24 11.51 -14.10
N TYR B 130 -19.23 12.21 -12.97
CA TYR B 130 -18.44 13.43 -12.90
C TYR B 130 -16.97 13.15 -13.01
N SER B 131 -16.52 11.97 -12.60
CA SER B 131 -15.10 11.69 -12.45
C SER B 131 -14.70 10.45 -13.24
N HIS B 132 -13.40 10.33 -13.43
CA HIS B 132 -12.81 9.13 -13.98
C HIS B 132 -11.42 8.99 -13.38
N THR B 133 -11.05 7.77 -13.03
CA THR B 133 -9.74 7.54 -12.46
C THR B 133 -8.92 6.75 -13.47
N TYR B 134 -7.84 7.38 -13.96
CA TYR B 134 -6.97 6.77 -14.94
C TYR B 134 -5.87 5.99 -14.23
N ARG B 135 -5.51 4.85 -14.80
CA ARG B 135 -4.44 4.03 -14.27
C ARG B 135 -3.38 3.78 -15.34
N LYS B 136 -2.15 3.58 -14.90
CA LYS B 136 -1.08 3.28 -15.86
C LYS B 136 -1.06 1.80 -16.21
N GLN B 138 -3.13 -2.04 -15.83
CA GLN B 138 -4.45 -2.59 -15.59
C GLN B 138 -4.40 -3.63 -14.47
N GLN B 139 -5.43 -3.62 -13.62
CA GLN B 139 -5.45 -4.50 -12.46
C GLN B 139 -5.65 -5.96 -12.86
N SER B 140 -6.45 -6.20 -13.91
CA SER B 140 -6.75 -7.58 -14.32
C SER B 140 -7.45 -7.60 -15.67
N PRO B 141 -7.53 -8.76 -16.31
CA PRO B 141 -8.40 -8.87 -17.48
C PRO B 141 -9.84 -8.60 -17.09
N PRO B 142 -10.66 -8.15 -18.03
CA PRO B 142 -12.10 -7.95 -17.74
C PRO B 142 -12.75 -9.18 -17.12
N GLN B 143 -13.53 -8.94 -16.07
CA GLN B 143 -14.18 -10.04 -15.35
C GLN B 143 -14.98 -10.94 -16.28
N ASP B 144 -15.61 -10.38 -17.32
CA ASP B 144 -16.36 -11.20 -18.25
C ASP B 144 -15.47 -12.27 -18.87
N ILE B 145 -14.20 -11.94 -19.10
CA ILE B 145 -13.32 -12.87 -19.79
C ILE B 145 -12.74 -13.89 -18.84
N ILE B 146 -12.40 -13.48 -17.61
CA ILE B 146 -11.98 -14.44 -16.60
C ILE B 146 -13.04 -15.53 -16.43
N SER B 147 -14.29 -15.12 -16.24
CA SER B 147 -15.34 -16.09 -16.02
C SER B 147 -15.49 -17.03 -17.21
N PHE B 149 -13.21 -17.93 -19.26
CA PHE B 149 -12.06 -18.81 -19.40
C PHE B 149 -12.10 -19.97 -18.41
N GLU B 150 -12.63 -19.75 -17.19
CA GLU B 150 -12.60 -20.84 -16.22
C GLU B 150 -13.56 -21.97 -16.59
N LYS B 151 -14.68 -21.63 -17.21
CA LYS B 151 -15.61 -22.65 -17.69
C LYS B 151 -14.98 -23.51 -18.77
N GLN B 152 -14.14 -22.93 -19.65
CA GLN B 152 -13.55 -23.74 -20.70
C GLN B 152 -12.21 -24.34 -20.32
N GLN B 153 -11.34 -23.58 -19.63
CA GLN B 153 -10.01 -24.06 -19.29
C GLN B 153 -9.92 -24.70 -17.91
N GLY B 154 -10.81 -24.35 -16.98
CA GLY B 154 -10.78 -24.87 -15.63
C GLY B 154 -10.10 -23.92 -14.65
N LYS B 155 -10.30 -24.18 -13.36
CA LYS B 155 -9.86 -23.21 -12.34
C LYS B 155 -8.34 -23.13 -12.22
N ALA B 156 -7.66 -24.28 -12.24
CA ALA B 156 -6.21 -24.25 -12.11
C ALA B 156 -5.55 -23.56 -13.29
N TRP B 157 -6.07 -23.77 -14.49
CA TRP B 157 -5.53 -23.08 -15.66
C TRP B 157 -5.67 -21.57 -15.51
N VAL B 158 -6.86 -21.11 -15.10
CA VAL B 158 -7.10 -19.68 -14.95
C VAL B 158 -6.18 -19.07 -13.89
N GLU B 159 -6.02 -19.75 -12.77
CA GLU B 159 -5.16 -19.22 -11.71
C GLU B 159 -3.73 -19.04 -12.21
N ASN B 160 -3.20 -20.05 -12.89
CA ASN B 160 -1.86 -19.90 -13.47
C ASN B 160 -1.82 -18.80 -14.52
N TRP B 161 -2.89 -18.68 -15.32
CA TRP B 161 -2.92 -17.65 -16.35
C TRP B 161 -2.93 -16.26 -15.75
N LEU B 162 -3.80 -16.03 -14.75
CA LEU B 162 -3.83 -14.74 -14.07
C LEU B 162 -2.48 -14.42 -13.46
N LYS B 163 -1.79 -15.44 -12.91
CA LYS B 163 -0.48 -15.21 -12.33
C LYS B 163 0.51 -14.72 -13.38
N GLU B 164 0.61 -15.45 -14.50
CA GLU B 164 1.49 -15.03 -15.57
C GLU B 164 1.12 -13.64 -16.09
N TRP B 165 -0.18 -13.39 -16.24
CA TRP B 165 -0.62 -12.13 -16.81
C TRP B 165 -0.24 -10.95 -15.91
N LYS B 166 -0.41 -11.13 -14.59
CA LYS B 166 -0.04 -10.09 -13.64
C LYS B 166 1.46 -9.79 -13.70
N GLN B 167 2.29 -10.82 -13.61
CA GLN B 167 3.74 -10.63 -13.73
C GLN B 167 4.10 -9.94 -15.04
N GLU B 169 2.29 -7.88 -17.00
CA GLU B 169 1.95 -6.46 -16.92
C GLU B 169 2.87 -5.73 -15.96
N LYS B 170 3.26 -6.39 -14.87
CA LYS B 170 4.17 -5.77 -13.91
C LYS B 170 5.55 -5.54 -14.51
N GLU B 171 6.09 -6.54 -15.24
CA GLU B 171 7.37 -6.35 -15.90
C GLU B 171 7.31 -5.21 -16.91
N TYR B 172 6.25 -5.18 -17.73
CA TYR B 172 6.07 -4.08 -18.67
C TYR B 172 5.99 -2.74 -17.94
N ALA B 173 5.19 -2.67 -16.87
CA ALA B 173 5.07 -1.41 -16.15
C ALA B 173 6.42 -0.95 -15.64
N LYS B 174 7.24 -1.88 -15.13
CA LYS B 174 8.52 -1.50 -14.56
C LYS B 174 9.48 -0.98 -15.62
N GLN B 175 9.44 -1.59 -16.80
CA GLN B 175 10.33 -1.17 -17.88
C GLN B 175 9.98 0.19 -18.43
N ASN B 176 8.72 0.60 -18.33
CA ASN B 176 8.24 1.88 -18.84
C ASN B 176 7.84 2.84 -17.72
N ALA B 177 8.46 2.70 -16.56
CA ALA B 177 8.13 3.55 -15.43
C ALA B 177 8.63 4.97 -15.65
N ILE B 178 8.02 5.92 -14.94
CA ILE B 178 8.46 7.30 -15.01
C ILE B 178 9.70 7.44 -14.14
N ALA B 179 10.81 7.86 -14.74
CA ALA B 179 12.09 7.91 -14.06
C ALA B 179 12.13 9.06 -13.06
N PRO B 180 12.90 8.92 -11.98
CA PRO B 180 13.04 10.02 -11.01
C PRO B 180 13.34 11.36 -11.67
N GLY B 181 12.56 12.38 -11.29
CA GLY B 181 12.74 13.72 -11.81
C GLY B 181 12.13 13.97 -13.16
N LYS B 182 11.72 12.92 -13.87
CA LYS B 182 11.33 13.07 -15.25
C LYS B 182 9.89 13.55 -15.38
N ASN B 183 9.67 14.42 -16.35
CA ASN B 183 8.33 14.77 -16.80
C ASN B 183 7.94 13.90 -17.97
N GLN B 184 6.63 13.64 -18.10
CA GLN B 184 6.13 12.90 -19.24
C GLN B 184 4.64 13.18 -19.42
N ASN B 185 4.16 13.07 -20.66
CA ASN B 185 2.75 13.26 -20.99
C ASN B 185 2.09 11.90 -21.22
N ASP B 186 0.96 11.65 -20.57
CA ASP B 186 0.16 10.45 -20.79
C ASP B 186 -1.20 10.86 -21.33
N ALA B 187 -1.61 10.27 -22.44
CA ALA B 187 -2.77 10.72 -23.19
C ALA B 187 -3.86 9.65 -23.25
N PHE B 188 -5.11 10.11 -23.23
CA PHE B 188 -6.30 9.24 -23.23
C PHE B 188 -7.37 9.89 -24.10
N LEU B 189 -7.92 9.13 -25.04
CA LEU B 189 -8.94 9.67 -25.93
C LEU B 189 -10.18 10.06 -25.14
N LEU B 190 -10.79 11.18 -25.53
CA LEU B 190 -11.93 11.72 -24.80
C LEU B 190 -12.95 12.24 -25.82
N PHE B 191 -13.86 11.36 -26.25
CA PHE B 191 -14.79 11.68 -27.32
C PHE B 191 -16.06 12.38 -26.86
N ASP B 192 -16.52 12.14 -25.64
CA ASP B 192 -17.81 12.67 -25.22
C ASP B 192 -17.79 14.19 -25.17
N LYS B 193 -18.95 14.79 -25.43
CA LYS B 193 -19.16 16.24 -25.48
C LYS B 193 -18.36 16.92 -26.58
N TRP B 194 -17.77 16.16 -27.50
CA TRP B 194 -16.94 16.70 -28.57
C TRP B 194 -17.67 16.60 -29.91
N LYS B 195 -17.54 17.65 -30.72
CA LYS B 195 -18.20 17.72 -32.02
C LYS B 195 -17.13 17.85 -33.10
N GLN B 196 -16.97 16.79 -33.90
CA GLN B 196 -15.91 16.76 -34.91
C GLN B 196 -16.21 17.73 -36.04
N SER B 197 -17.47 17.78 -36.48
CA SER B 197 -17.82 18.63 -37.62
C SER B 197 -17.56 20.10 -37.32
N THR B 198 -17.62 20.48 -36.05
CA THR B 198 -17.40 21.86 -35.62
C THR B 198 -16.01 22.10 -35.06
N GLY B 199 -15.51 21.20 -34.22
CA GLY B 199 -14.21 21.33 -33.60
C GLY B 199 -14.26 21.72 -32.13
N GLU B 200 -15.40 22.22 -31.67
CA GLU B 200 -15.53 22.60 -30.26
C GLU B 200 -15.63 21.36 -29.40
N HIS B 201 -15.02 21.43 -28.22
CA HIS B 201 -15.20 20.45 -27.18
C HIS B 201 -15.95 21.13 -26.03
N GLY B 202 -16.97 20.45 -25.49
CA GLY B 202 -17.70 21.02 -24.37
C GLY B 202 -16.84 21.16 -23.13
N VAL B 203 -15.88 20.25 -22.95
CA VAL B 203 -14.97 20.33 -21.83
C VAL B 203 -13.98 21.46 -22.10
N LYS B 204 -13.99 22.46 -21.23
CA LYS B 204 -13.01 23.54 -21.32
C LYS B 204 -11.90 23.42 -20.28
N TYR B 205 -12.17 22.77 -19.16
CA TYR B 205 -11.19 22.61 -18.08
C TYR B 205 -11.23 21.17 -17.59
N ILE B 206 -10.04 20.56 -17.48
CA ILE B 206 -9.88 19.28 -16.79
C ILE B 206 -9.00 19.55 -15.58
N ILE B 207 -9.49 19.20 -14.40
CA ILE B 207 -8.70 19.37 -13.18
C ILE B 207 -8.52 18.01 -12.54
N SER B 208 -7.28 17.72 -12.15
CA SER B 208 -6.86 16.37 -11.86
C SER B 208 -6.13 16.32 -10.52
N CYS B 209 -6.05 15.12 -9.94
CA CYS B 209 -5.44 14.97 -8.62
C CYS B 209 -4.90 13.56 -8.48
N VAL B 210 -3.68 13.44 -7.95
CA VAL B 210 -3.14 12.08 -7.76
C VAL B 210 -3.84 11.43 -6.58
N LYS B 211 -4.31 10.21 -6.78
CA LYS B 211 -4.93 9.44 -5.71
C LYS B 211 -3.89 8.59 -4.98
N GLN B 212 -3.09 7.85 -5.75
CA GLN B 212 -2.02 7.03 -5.22
C GLN B 212 -1.00 6.76 -6.33
N VAL B 213 0.15 6.25 -5.91
CA VAL B 213 1.27 6.01 -6.79
C VAL B 213 1.90 4.69 -6.36
N THR B 214 2.37 3.91 -7.32
CA THR B 214 3.10 2.68 -7.02
C THR B 214 4.51 2.79 -7.57
N PHE B 215 5.50 2.65 -6.69
CA PHE B 215 6.90 2.68 -7.10
C PHE B 215 7.36 1.30 -7.59
N ASN B 216 8.55 1.28 -8.22
CA ASN B 216 9.02 0.05 -8.88
C ASN B 216 9.29 -1.09 -7.90
N ASP B 217 9.45 -0.81 -6.60
CA ASP B 217 9.62 -1.87 -5.62
C ASP B 217 8.30 -2.46 -5.13
N GLY B 218 7.17 -2.00 -5.63
CA GLY B 218 5.88 -2.48 -5.20
C GLY B 218 5.21 -1.65 -4.13
N SER B 219 5.93 -0.69 -3.54
CA SER B 219 5.32 0.07 -2.47
C SER B 219 4.36 1.12 -3.01
N VAL B 220 3.38 1.48 -2.20
CA VAL B 220 2.25 2.35 -2.59
C VAL B 220 2.20 3.58 -1.70
N TRP B 221 2.19 4.76 -2.32
CA TRP B 221 1.96 6.02 -1.63
C TRP B 221 0.55 6.49 -1.92
N LYS B 222 -0.18 6.87 -0.89
CA LYS B 222 -1.53 7.39 -1.02
C LYS B 222 -1.57 8.87 -0.66
N ASN B 223 -2.32 9.64 -1.45
CA ASN B 223 -2.45 11.08 -1.25
C ASN B 223 -3.47 11.37 -0.14
N SER B 224 -3.00 11.81 1.03
CA SER B 224 -3.91 12.08 2.13
C SER B 224 -4.86 13.24 1.86
N ALA B 225 -4.53 14.09 0.89
CA ALA B 225 -5.38 15.22 0.50
C ALA B 225 -6.43 14.86 -0.55
N TYR B 226 -6.41 13.61 -1.06
CA TYR B 226 -7.25 13.30 -2.22
C TYR B 226 -8.73 13.37 -1.89
N GLU B 227 -9.12 12.83 -0.73
CA GLU B 227 -10.56 12.73 -0.44
C GLU B 227 -11.19 14.10 -0.25
N ASN B 228 -10.47 15.02 0.41
CA ASN B 228 -10.96 16.39 0.54
C ASN B 228 -11.03 17.09 -0.80
N TRP B 229 -10.00 16.91 -1.65
CA TRP B 229 -10.06 17.39 -3.01
C TRP B 229 -11.31 16.87 -3.73
N LEU B 230 -11.49 15.54 -3.73
CA LEU B 230 -12.64 14.97 -4.44
C LEU B 230 -13.96 15.55 -3.94
N LYS B 231 -14.13 15.61 -2.61
CA LYS B 231 -15.34 16.18 -2.04
C LYS B 231 -15.49 17.66 -2.40
N SER B 232 -14.39 18.42 -2.38
CA SER B 232 -14.41 19.85 -2.69
C SER B 232 -14.93 20.14 -4.10
N PHE B 233 -14.69 19.24 -5.05
CA PHE B 233 -14.86 19.51 -6.47
C PHE B 233 -15.96 18.70 -7.14
N GLN B 234 -16.11 17.42 -6.81
CA GLN B 234 -16.97 16.53 -7.61
C GLN B 234 -18.43 17.00 -7.51
N GLY B 235 -19.01 17.32 -8.66
CA GLY B 235 -20.40 17.77 -8.73
C GLY B 235 -20.64 19.20 -8.30
N LYS B 236 -19.60 19.97 -8.00
CA LYS B 236 -19.74 21.34 -7.51
C LYS B 236 -19.32 22.32 -8.59
N GLU B 237 -20.02 23.46 -8.64
CA GLU B 237 -19.61 24.55 -9.51
C GLU B 237 -18.38 25.25 -8.94
N VAL B 238 -17.46 25.63 -9.83
CA VAL B 238 -16.23 26.32 -9.43
C VAL B 238 -15.99 27.49 -10.38
N SER B 239 -15.47 28.60 -9.83
CA SER B 239 -15.33 29.82 -10.62
C SER B 239 -14.31 29.63 -11.74
N ASN B 240 -14.48 30.43 -12.80
CA ASN B 240 -13.54 30.37 -13.92
C ASN B 240 -12.13 30.73 -13.47
N SER B 241 -12.01 31.70 -12.56
CA SER B 241 -10.67 32.10 -12.13
C SER B 241 -9.96 30.96 -11.43
N VAL B 242 -10.68 30.22 -10.57
CA VAL B 242 -10.10 29.02 -9.94
C VAL B 242 -9.71 28.00 -10.99
N LEU B 243 -10.57 27.77 -11.98
CA LEU B 243 -10.22 26.82 -13.02
C LEU B 243 -9.04 27.32 -13.85
N GLU B 244 -9.07 28.59 -14.26
CA GLU B 244 -7.99 29.15 -15.08
C GLU B 244 -6.62 28.96 -14.43
N ASN B 245 -6.53 29.19 -13.13
CA ASN B 245 -5.24 29.23 -12.47
C ASN B 245 -4.89 27.96 -11.73
N TYR B 246 -5.66 26.88 -11.92
CA TYR B 246 -5.50 25.67 -11.12
C TYR B 246 -4.10 25.08 -11.24
N TYR B 247 -3.47 25.16 -12.41
CA TYR B 247 -2.15 24.55 -12.63
C TYR B 247 -1.00 25.57 -12.62
N LYS B 248 -1.27 26.83 -12.33
CA LYS B 248 -0.21 27.84 -12.29
C LYS B 248 0.38 27.95 -10.89
#